data_3KYA
#
_entry.id   3KYA
#
_cell.length_a   94.830
_cell.length_b   124.623
_cell.length_c   98.389
_cell.angle_alpha   90.000
_cell.angle_beta   90.000
_cell.angle_gamma   90.000
#
_symmetry.space_group_name_H-M   'C 2 2 21'
#
loop_
_entity.id
_entity.type
_entity.pdbx_description
1 polymer 'Putative phosphatase'
2 non-polymer 1,2-ETHANEDIOL
3 non-polymer 'ACETATE ION'
4 non-polymer 'CHLORIDE ION'
5 non-polymer 'ZINC ION'
6 water water
#
_entity_poly.entity_id   1
_entity_poly.type   'polypeptide(L)'
_entity_poly.pdbx_seq_one_letter_code
;GKDDDNVETGAFDPSKPVAISDFTPKEGGAYQKLLIYGENFGTDVSKVKVKIGGKDAIVINVKSTYVYCFVPSGAFSGEI
EITVGEGENAVTTTASTTFSYEKK(MSE)VVGTLCGYRNNRDDQGWRDGPFDGPEGVKCCGFSDNGRLAFDPLNKDHLYI
CYDGHKAIQLIDLKNR(MSE)LSSPLNINTIPTNRIRSIAFNKKIEGYADEAEY(MSE)IVAIDYDGKGDESPSVYIIKR
NADGTFDDRSDIQLIAAYKQCNGATIHPINGELYFNSYEKGQVFRLDLVDYFKTIKNGGSWDPIVKNNPNTFKQLFTIAD
PSWEFQIFIHPTGKYAYFGVINNHYF(MSE)RSDYDEIKKEFITPYNFVGGYKQSGYRDDVGTEAR(MSE)NNPCQGVFV
KNPDYTGEEEYDFYFVDRLNFCVRKVTPEGIVSTYAGRGASTSLADGNQWGTDDGDLREVARFRDVSGLVYDDVKE
(MSE)FYVHDQVGHTIRTIS(MSE)EQEENVAGDENIPEDESTVESNE
;
_entity_poly.pdbx_strand_id   A
#
loop_
_chem_comp.id
_chem_comp.type
_chem_comp.name
_chem_comp.formula
ACT non-polymer 'ACETATE ION' 'C2 H3 O2 -1'
CL non-polymer 'CHLORIDE ION' 'Cl -1'
EDO non-polymer 1,2-ETHANEDIOL 'C2 H6 O2'
ZN non-polymer 'ZINC ION' 'Zn 2'
#
# COMPACT_ATOMS: atom_id res chain seq x y z
N VAL A 7 -52.29 -14.43 -21.16
CA VAL A 7 -50.87 -14.58 -21.61
C VAL A 7 -50.58 -15.98 -22.15
N GLU A 8 -49.66 -16.08 -23.11
CA GLU A 8 -49.26 -17.36 -23.73
C GLU A 8 -48.30 -18.16 -22.83
N THR A 9 -47.96 -19.39 -23.24
CA THR A 9 -47.04 -20.26 -22.50
C THR A 9 -45.68 -19.60 -22.41
N GLY A 10 -45.20 -19.39 -21.19
CA GLY A 10 -43.91 -18.75 -20.97
C GLY A 10 -44.01 -17.26 -20.68
N ALA A 11 -45.15 -16.63 -20.96
CA ALA A 11 -45.31 -15.19 -20.69
C ALA A 11 -45.64 -14.93 -19.22
N PHE A 12 -45.29 -13.74 -18.75
CA PHE A 12 -45.58 -13.32 -17.37
C PHE A 12 -47.09 -13.20 -17.17
N ASP A 13 -47.59 -13.75 -16.06
CA ASP A 13 -49.01 -13.69 -15.71
C ASP A 13 -49.13 -12.91 -14.39
N PRO A 14 -49.54 -11.63 -14.45
CA PRO A 14 -49.61 -10.79 -13.25
C PRO A 14 -50.67 -11.21 -12.21
N SER A 15 -51.54 -12.16 -12.53
CA SER A 15 -52.53 -12.66 -11.58
C SER A 15 -51.98 -13.84 -10.77
N LYS A 16 -50.77 -14.29 -11.10
CA LYS A 16 -50.12 -15.41 -10.42
C LYS A 16 -48.88 -14.95 -9.69
N PRO A 17 -48.54 -15.64 -8.58
CA PRO A 17 -47.34 -15.25 -7.85
C PRO A 17 -46.07 -15.47 -8.66
N VAL A 18 -45.00 -14.82 -8.24
CA VAL A 18 -43.68 -15.03 -8.80
C VAL A 18 -43.00 -15.86 -7.73
N ALA A 19 -42.24 -16.87 -8.15
CA ALA A 19 -41.56 -17.74 -7.20
C ALA A 19 -40.09 -17.91 -7.55
N ILE A 20 -39.25 -18.03 -6.52
CA ILE A 20 -37.85 -18.39 -6.66
C ILE A 20 -37.69 -19.74 -5.97
N SER A 21 -37.24 -20.76 -6.70
CA SER A 21 -37.10 -22.11 -6.14
C SER A 21 -35.67 -22.50 -5.80
N ASP A 22 -34.69 -21.87 -6.43
CA ASP A 22 -33.30 -22.26 -6.28
C ASP A 22 -32.42 -21.24 -6.96
N PHE A 23 -31.13 -21.29 -6.66
CA PHE A 23 -30.16 -20.45 -7.33
C PHE A 23 -28.80 -21.12 -7.25
N THR A 24 -27.93 -20.75 -8.19
CA THR A 24 -26.58 -21.30 -8.25
C THR A 24 -25.61 -20.29 -8.87
N PRO A 25 -24.41 -20.14 -8.28
CA PRO A 25 -23.91 -20.82 -7.08
C PRO A 25 -24.59 -20.33 -5.79
N LYS A 26 -24.38 -21.06 -4.69
CA LYS A 26 -24.97 -20.72 -3.40
C LYS A 26 -24.15 -19.66 -2.67
N GLU A 27 -22.90 -19.52 -3.08
CA GLU A 27 -21.98 -18.56 -2.49
C GLU A 27 -21.14 -17.93 -3.61
N GLY A 28 -20.63 -16.75 -3.35
CA GLY A 28 -19.81 -16.04 -4.33
C GLY A 28 -19.62 -14.58 -3.95
N GLY A 29 -18.79 -13.88 -4.72
CA GLY A 29 -18.47 -12.48 -4.49
C GLY A 29 -19.04 -11.55 -5.55
N ALA A 30 -18.80 -10.26 -5.39
CA ALA A 30 -19.26 -9.26 -6.36
C ALA A 30 -18.79 -9.63 -7.76
N TYR A 31 -19.61 -9.33 -8.76
CA TYR A 31 -19.36 -9.63 -10.18
C TYR A 31 -19.57 -11.10 -10.57
N GLN A 32 -19.89 -11.97 -9.60
CA GLN A 32 -20.22 -13.36 -9.91
C GLN A 32 -21.52 -13.40 -10.71
N LYS A 33 -21.56 -14.26 -11.73
CA LYS A 33 -22.77 -14.47 -12.49
C LYS A 33 -23.64 -15.44 -11.67
N LEU A 34 -24.89 -15.05 -11.42
CA LEU A 34 -25.84 -15.84 -10.63
C LEU A 34 -27.04 -16.25 -11.46
N LEU A 35 -27.40 -17.53 -11.35
CA LEU A 35 -28.53 -18.12 -12.04
C LEU A 35 -29.63 -18.37 -11.02
N ILE A 36 -30.78 -17.75 -11.24
CA ILE A 36 -31.92 -17.87 -10.34
C ILE A 36 -33.04 -18.65 -11.03
N TYR A 37 -33.48 -19.75 -10.41
CA TYR A 37 -34.57 -20.57 -10.92
C TYR A 37 -35.90 -20.21 -10.24
N GLY A 38 -36.98 -20.32 -10.98
CA GLY A 38 -38.29 -20.02 -10.43
C GLY A 38 -39.43 -20.12 -11.41
N GLU A 39 -40.44 -19.28 -11.22
CA GLU A 39 -41.62 -19.27 -12.06
C GLU A 39 -42.17 -17.88 -12.24
N ASN A 40 -42.75 -17.66 -13.41
CA ASN A 40 -43.49 -16.45 -13.75
C ASN A 40 -42.58 -15.22 -13.91
N PHE A 41 -41.40 -15.41 -14.48
CA PHE A 41 -40.47 -14.31 -14.71
C PHE A 41 -40.69 -13.60 -16.03
N GLY A 42 -41.44 -14.21 -16.95
CA GLY A 42 -41.62 -13.62 -18.27
C GLY A 42 -40.34 -13.77 -19.09
N THR A 43 -40.31 -13.14 -20.26
CA THR A 43 -39.17 -13.28 -21.18
C THR A 43 -38.45 -11.96 -21.52
N ASP A 44 -38.73 -10.90 -20.77
CA ASP A 44 -38.14 -9.57 -21.01
C ASP A 44 -37.34 -9.00 -19.84
N VAL A 45 -36.06 -8.75 -20.08
CA VAL A 45 -35.19 -8.08 -19.14
C VAL A 45 -35.77 -6.73 -18.68
N SER A 46 -36.42 -6.00 -19.59
CA SER A 46 -37.00 -4.69 -19.28
C SER A 46 -38.09 -4.72 -18.20
N LYS A 47 -38.69 -5.89 -17.98
CA LYS A 47 -39.78 -6.03 -17.01
C LYS A 47 -39.33 -6.68 -15.70
N VAL A 48 -38.03 -6.86 -15.53
CA VAL A 48 -37.52 -7.50 -14.32
C VAL A 48 -36.47 -6.66 -13.60
N LYS A 49 -36.62 -6.57 -12.29
CA LYS A 49 -35.65 -5.88 -11.44
C LYS A 49 -35.29 -6.83 -10.30
N VAL A 50 -33.99 -6.89 -10.00
CA VAL A 50 -33.46 -7.77 -8.98
C VAL A 50 -32.61 -6.99 -7.99
N LYS A 51 -32.80 -7.30 -6.70
CA LYS A 51 -31.96 -6.76 -5.66
C LYS A 51 -31.35 -7.94 -4.90
N ILE A 52 -30.08 -7.81 -4.55
CA ILE A 52 -29.40 -8.82 -3.74
C ILE A 52 -28.75 -8.09 -2.58
N GLY A 53 -29.06 -8.52 -1.36
CA GLY A 53 -28.51 -7.86 -0.18
C GLY A 53 -28.87 -6.38 -0.13
N GLY A 54 -30.05 -6.05 -0.64
CA GLY A 54 -30.52 -4.66 -0.71
C GLY A 54 -29.93 -3.82 -1.83
N LYS A 55 -29.03 -4.40 -2.63
CA LYS A 55 -28.37 -3.67 -3.72
C LYS A 55 -28.94 -4.05 -5.08
N ASP A 56 -29.19 -3.05 -5.94
CA ASP A 56 -29.68 -3.31 -7.29
C ASP A 56 -28.68 -4.16 -8.06
N ALA A 57 -29.16 -5.18 -8.75
CA ALA A 57 -28.33 -6.08 -9.53
C ALA A 57 -28.58 -5.97 -11.04
N ILE A 58 -27.50 -6.07 -11.80
CA ILE A 58 -27.57 -6.05 -13.27
CA ILE A 58 -27.59 -6.05 -13.26
C ILE A 58 -28.25 -7.34 -13.75
N VAL A 59 -29.34 -7.21 -14.49
CA VAL A 59 -30.07 -8.36 -15.06
C VAL A 59 -29.54 -8.62 -16.46
N ILE A 60 -29.11 -9.86 -16.71
CA ILE A 60 -28.49 -10.25 -17.97
C ILE A 60 -29.46 -10.87 -18.97
N ASN A 61 -30.29 -11.80 -18.50
N ASN A 61 -30.27 -11.81 -18.51
CA ASN A 61 -31.19 -12.54 -19.38
CA ASN A 61 -31.21 -12.52 -19.37
C ASN A 61 -32.33 -13.10 -18.55
C ASN A 61 -32.35 -13.03 -18.53
N VAL A 62 -33.54 -13.10 -19.10
CA VAL A 62 -34.75 -13.54 -18.43
CA VAL A 62 -34.66 -13.63 -18.40
C VAL A 62 -35.49 -14.49 -19.34
N LYS A 63 -35.75 -15.72 -18.88
N LYS A 63 -35.76 -15.71 -18.86
CA LYS A 63 -36.43 -16.72 -19.72
CA LYS A 63 -36.65 -16.65 -19.51
C LYS A 63 -37.50 -17.58 -19.02
C LYS A 63 -37.69 -16.99 -18.43
N SER A 64 -38.49 -16.91 -18.43
N SER A 64 -38.80 -17.57 -18.84
CA SER A 64 -39.67 -17.59 -17.86
CA SER A 64 -39.92 -17.81 -17.93
C SER A 64 -39.43 -18.31 -16.54
C SER A 64 -39.58 -18.45 -16.57
N THR A 65 -38.59 -19.34 -16.55
CA THR A 65 -38.27 -20.08 -15.34
C THR A 65 -36.87 -19.85 -14.81
N TYR A 66 -36.10 -18.94 -15.42
CA TYR A 66 -34.78 -18.60 -14.89
C TYR A 66 -34.38 -17.17 -15.23
N VAL A 67 -33.56 -16.59 -14.38
CA VAL A 67 -32.99 -15.26 -14.59
C VAL A 67 -31.52 -15.31 -14.28
N TYR A 68 -30.71 -14.70 -15.15
CA TYR A 68 -29.29 -14.54 -14.91
C TYR A 68 -29.03 -13.09 -14.52
N CYS A 69 -28.20 -12.89 -13.51
CA CYS A 69 -27.81 -11.53 -13.08
C CYS A 69 -26.39 -11.55 -12.52
N PHE A 70 -25.85 -10.37 -12.26
CA PHE A 70 -24.54 -10.24 -11.63
C PHE A 70 -24.70 -9.88 -10.17
N VAL A 71 -23.92 -10.54 -9.30
CA VAL A 71 -23.94 -10.23 -7.88
C VAL A 71 -23.35 -8.84 -7.64
N PRO A 72 -24.10 -7.95 -6.99
CA PRO A 72 -23.57 -6.60 -6.80
C PRO A 72 -22.57 -6.47 -5.66
N SER A 73 -21.69 -5.49 -5.76
CA SER A 73 -20.79 -5.16 -4.66
C SER A 73 -21.61 -4.79 -3.41
N GLY A 74 -21.18 -5.29 -2.26
CA GLY A 74 -21.83 -4.95 -1.00
C GLY A 74 -23.17 -5.63 -0.72
N ALA A 75 -23.41 -6.80 -1.31
CA ALA A 75 -24.67 -7.53 -1.12
C ALA A 75 -24.58 -8.43 0.13
N PHE A 76 -24.16 -7.84 1.24
CA PHE A 76 -23.86 -8.59 2.48
C PHE A 76 -24.92 -9.56 2.95
N SER A 77 -26.18 -9.14 3.00
CA SER A 77 -27.24 -10.01 3.57
C SER A 77 -27.57 -11.20 2.66
N GLY A 78 -27.33 -11.07 1.35
CA GLY A 78 -27.61 -12.14 0.39
C GLY A 78 -29.08 -12.36 0.09
N GLU A 79 -29.94 -11.50 0.61
CA GLU A 79 -31.37 -11.62 0.36
CA GLU A 79 -31.38 -11.61 0.36
C GLU A 79 -31.64 -11.31 -1.12
N ILE A 80 -32.36 -12.22 -1.78
CA ILE A 80 -32.68 -12.08 -3.21
C ILE A 80 -34.13 -11.67 -3.37
N GLU A 81 -34.35 -10.51 -3.98
CA GLU A 81 -35.70 -9.98 -4.17
C GLU A 81 -35.86 -9.68 -5.66
N ILE A 82 -36.99 -10.11 -6.22
CA ILE A 82 -37.28 -9.92 -7.63
CA ILE A 82 -37.27 -9.91 -7.63
C ILE A 82 -38.65 -9.32 -7.79
N THR A 83 -38.77 -8.37 -8.70
CA THR A 83 -40.03 -7.73 -9.03
C THR A 83 -40.21 -7.86 -10.54
N VAL A 84 -41.31 -8.45 -10.95
CA VAL A 84 -41.64 -8.65 -12.35
C VAL A 84 -42.87 -7.78 -12.63
N GLY A 85 -42.84 -7.05 -13.74
CA GLY A 85 -43.94 -6.18 -14.11
C GLY A 85 -43.80 -4.77 -13.54
N GLU A 86 -44.74 -3.90 -13.91
CA GLU A 86 -44.71 -2.50 -13.48
C GLU A 86 -46.07 -2.00 -13.06
N GLY A 87 -46.08 -1.01 -12.18
CA GLY A 87 -47.33 -0.41 -11.71
C GLY A 87 -48.30 -1.42 -11.13
N GLU A 88 -49.55 -1.36 -11.56
CA GLU A 88 -50.60 -2.26 -11.04
C GLU A 88 -50.27 -3.74 -11.28
N ASN A 89 -49.49 -4.05 -12.32
CA ASN A 89 -49.11 -5.42 -12.66
C ASN A 89 -47.81 -5.93 -12.02
N ALA A 90 -47.19 -5.14 -11.14
CA ALA A 90 -45.92 -5.52 -10.53
C ALA A 90 -46.15 -6.58 -9.44
N VAL A 91 -45.35 -7.65 -9.47
CA VAL A 91 -45.42 -8.74 -8.50
C VAL A 91 -44.01 -8.98 -7.97
N THR A 92 -43.88 -9.03 -6.64
CA THR A 92 -42.57 -9.20 -5.99
C THR A 92 -42.51 -10.43 -5.11
N THR A 93 -41.35 -11.08 -5.07
CA THR A 93 -41.12 -12.21 -4.18
C THR A 93 -39.70 -12.12 -3.66
N THR A 94 -39.45 -12.79 -2.54
CA THR A 94 -38.11 -12.83 -1.95
C THR A 94 -37.76 -14.28 -1.73
N ALA A 95 -36.55 -14.68 -2.13
CA ALA A 95 -36.12 -16.06 -1.99
C ALA A 95 -36.10 -16.42 -0.49
N SER A 96 -36.48 -17.65 -0.18
CA SER A 96 -36.56 -18.07 1.22
C SER A 96 -35.18 -18.25 1.86
N THR A 97 -34.17 -18.60 1.05
CA THR A 97 -32.79 -18.74 1.53
CA THR A 97 -32.79 -18.76 1.50
C THR A 97 -31.94 -17.59 0.99
N THR A 98 -30.89 -17.26 1.71
CA THR A 98 -30.01 -16.16 1.33
C THR A 98 -28.77 -16.65 0.59
N PHE A 99 -28.31 -15.83 -0.36
CA PHE A 99 -27.06 -16.08 -1.07
C PHE A 99 -25.93 -15.81 -0.08
N SER A 100 -24.87 -16.60 -0.11
CA SER A 100 -23.76 -16.40 0.82
C SER A 100 -22.71 -15.50 0.14
N TYR A 101 -22.77 -14.21 0.49
CA TYR A 101 -21.89 -13.19 -0.08
C TYR A 101 -20.48 -13.28 0.50
N GLU A 102 -19.50 -13.45 -0.38
CA GLU A 102 -18.10 -13.54 0.01
C GLU A 102 -17.46 -12.14 -0.10
N LYS A 103 -17.04 -11.61 1.03
CA LYS A 103 -16.49 -10.26 1.08
C LYS A 103 -15.13 -10.18 0.41
N LYS A 104 -14.84 -9.02 -0.18
CA LYS A 104 -13.56 -8.77 -0.83
C LYS A 104 -12.82 -7.56 -0.26
N MSE A 105 -11.52 -7.52 -0.50
CA MSE A 105 -10.72 -6.36 -0.17
C MSE A 105 -11.20 -5.20 -1.05
O MSE A 105 -11.59 -5.39 -2.22
CB MSE A 105 -9.24 -6.64 -0.43
CG MSE A 105 -8.64 -7.73 0.44
SE MSE A 105 -8.31 -7.11 2.24
CE MSE A 105 -6.51 -6.43 2.08
N VAL A 106 -11.21 -4.00 -0.47
CA VAL A 106 -11.63 -2.80 -1.20
C VAL A 106 -10.71 -1.62 -0.87
N VAL A 107 -10.60 -0.67 -1.79
CA VAL A 107 -9.82 0.54 -1.54
C VAL A 107 -10.73 1.55 -0.84
N GLY A 108 -10.20 2.25 0.15
CA GLY A 108 -10.93 3.30 0.88
C GLY A 108 -10.06 4.54 1.01
N THR A 109 -10.61 5.61 1.58
CA THR A 109 -9.85 6.83 1.80
C THR A 109 -9.90 7.15 3.28
N LEU A 110 -8.74 7.13 3.94
CA LEU A 110 -8.65 7.38 5.39
C LEU A 110 -8.71 8.87 5.74
N CYS A 111 -7.85 9.66 5.14
CA CYS A 111 -7.79 11.09 5.45
C CYS A 111 -7.10 11.85 4.35
N GLY A 112 -7.23 13.18 4.38
CA GLY A 112 -6.70 14.03 3.32
C GLY A 112 -7.77 14.25 2.27
N TYR A 113 -7.60 15.32 1.50
CA TYR A 113 -8.50 15.63 0.40
C TYR A 113 -7.87 16.65 -0.54
N ARG A 114 -8.44 16.75 -1.71
CA ARG A 114 -7.98 17.67 -2.72
C ARG A 114 -9.22 18.29 -3.34
N ASN A 115 -9.44 19.59 -3.10
CA ASN A 115 -10.63 20.26 -3.64
C ASN A 115 -10.43 20.61 -5.14
N ASN A 116 -11.45 21.18 -5.77
CA ASN A 116 -11.35 21.47 -7.22
C ASN A 116 -10.27 22.48 -7.60
N ARG A 117 -9.91 23.37 -6.68
CA ARG A 117 -8.84 24.34 -6.96
CA ARG A 117 -8.84 24.35 -6.93
C ARG A 117 -7.48 23.85 -6.46
N ASP A 118 -7.48 22.69 -5.79
CA ASP A 118 -6.27 22.10 -5.19
C ASP A 118 -5.59 23.16 -4.31
N ASP A 119 -6.40 23.92 -3.55
CA ASP A 119 -5.85 24.99 -2.70
C ASP A 119 -6.05 24.79 -1.20
N GLN A 120 -6.39 23.56 -0.79
CA GLN A 120 -6.59 23.23 0.62
C GLN A 120 -5.32 23.32 1.46
N GLY A 121 -4.15 23.16 0.84
CA GLY A 121 -2.86 23.27 1.52
C GLY A 121 -2.63 22.18 2.55
N TRP A 122 -1.97 22.54 3.65
CA TRP A 122 -1.65 21.63 4.75
C TRP A 122 -2.31 22.12 6.03
N ARG A 123 -2.88 21.18 6.77
CA ARG A 123 -3.54 21.48 8.01
C ARG A 123 -3.58 20.23 8.87
N ASP A 124 -3.12 20.36 10.11
CA ASP A 124 -3.17 19.29 11.07
C ASP A 124 -4.56 19.29 11.73
N GLY A 125 -4.97 18.16 12.27
CA GLY A 125 -6.28 18.04 12.89
C GLY A 125 -7.00 16.71 12.63
N PRO A 126 -8.31 16.70 12.84
CA PRO A 126 -9.13 15.49 12.70
C PRO A 126 -9.21 14.93 11.28
N PHE A 127 -9.33 13.61 11.16
CA PHE A 127 -9.47 13.01 9.83
C PHE A 127 -10.77 13.47 9.15
N ASP A 128 -11.83 13.63 9.95
CA ASP A 128 -13.15 14.01 9.44
C ASP A 128 -13.55 15.42 9.86
N GLY A 129 -14.52 15.98 9.14
CA GLY A 129 -15.03 17.32 9.41
C GLY A 129 -15.18 18.10 8.13
N PRO A 130 -15.63 19.36 8.24
CA PRO A 130 -15.78 20.21 7.06
C PRO A 130 -14.43 20.71 6.57
N GLU A 131 -14.34 21.05 5.29
CA GLU A 131 -13.12 21.61 4.73
C GLU A 131 -12.82 22.86 5.55
N GLY A 132 -11.56 23.07 5.91
CA GLY A 132 -11.19 24.17 6.82
C GLY A 132 -10.90 23.64 8.20
N VAL A 133 -11.47 22.47 8.52
CA VAL A 133 -11.24 21.81 9.80
C VAL A 133 -10.52 20.46 9.61
N LYS A 134 -11.06 19.59 8.76
CA LYS A 134 -10.43 18.28 8.57
CA LYS A 134 -10.46 18.27 8.51
C LYS A 134 -9.02 18.43 8.01
N CYS A 135 -8.15 17.49 8.37
CA CYS A 135 -6.75 17.54 7.98
C CYS A 135 -6.51 17.33 6.48
N CYS A 136 -5.39 17.88 6.03
CA CYS A 136 -4.97 17.80 4.65
C CYS A 136 -3.48 18.13 4.53
N GLY A 137 -2.90 17.83 3.38
CA GLY A 137 -1.49 18.07 3.10
C GLY A 137 -1.03 16.98 2.16
N PHE A 138 -0.16 16.10 2.66
CA PHE A 138 0.29 14.88 1.97
C PHE A 138 0.74 15.01 0.51
N SER A 139 1.27 16.17 0.12
CA SER A 139 1.52 16.44 -1.30
C SER A 139 2.91 16.15 -1.85
N ASP A 140 3.89 16.03 -0.97
CA ASP A 140 5.24 15.67 -1.40
C ASP A 140 5.39 14.17 -1.41
N ASN A 141 6.33 13.65 -2.20
CA ASN A 141 6.61 12.22 -2.26
C ASN A 141 6.94 11.71 -0.85
N GLY A 142 6.24 10.67 -0.40
CA GLY A 142 6.43 10.19 0.98
C GLY A 142 6.62 8.70 1.18
N ARG A 143 7.01 8.34 2.41
CA ARG A 143 7.16 6.96 2.85
C ARG A 143 6.49 6.78 4.20
N LEU A 144 5.98 5.58 4.43
CA LEU A 144 5.25 5.26 5.64
C LEU A 144 5.96 4.26 6.55
N ALA A 145 5.74 4.37 7.86
CA ALA A 145 6.29 3.40 8.83
C ALA A 145 5.53 3.41 10.15
N PHE A 146 5.12 2.22 10.59
CA PHE A 146 4.48 2.09 11.91
C PHE A 146 5.49 2.13 13.05
N ASP A 147 5.06 2.63 14.21
CA ASP A 147 5.84 2.48 15.42
C ASP A 147 5.74 0.97 15.76
N PRO A 148 6.88 0.23 15.78
CA PRO A 148 6.78 -1.22 16.08
C PRO A 148 6.13 -1.53 17.42
N LEU A 149 6.12 -0.58 18.37
CA LEU A 149 5.53 -0.83 19.67
C LEU A 149 4.06 -0.38 19.72
N ASN A 150 3.55 0.27 18.68
CA ASN A 150 2.16 0.73 18.66
C ASN A 150 1.70 1.00 17.25
N LYS A 151 1.01 0.02 16.65
CA LYS A 151 0.56 0.14 15.27
C LYS A 151 -0.61 1.13 15.05
N ASP A 152 -1.08 1.77 16.13
CA ASP A 152 -2.01 2.89 16.00
C ASP A 152 -1.24 4.13 15.52
N HIS A 153 0.09 4.12 15.67
CA HIS A 153 0.90 5.26 15.26
C HIS A 153 1.61 5.00 13.95
N LEU A 154 1.11 5.66 12.90
CA LEU A 154 1.64 5.55 11.55
C LEU A 154 2.36 6.86 11.19
N TYR A 155 3.68 6.77 11.03
CA TYR A 155 4.50 7.95 10.70
C TYR A 155 4.67 8.07 9.19
N ILE A 156 4.77 9.31 8.74
CA ILE A 156 5.02 9.62 7.33
C ILE A 156 6.11 10.66 7.22
N CYS A 157 7.10 10.39 6.38
CA CYS A 157 8.18 11.32 6.10
C CYS A 157 8.09 11.70 4.63
N TYR A 158 8.58 12.89 4.33
CA TYR A 158 8.44 13.48 3.01
C TYR A 158 9.71 14.04 2.41
N ASP A 159 9.85 13.84 1.10
CA ASP A 159 10.91 14.43 0.34
C ASP A 159 10.39 15.81 -0.11
N GLY A 160 10.64 16.84 0.70
CA GLY A 160 10.18 18.23 0.42
C GLY A 160 9.34 18.94 1.50
N HIS A 161 9.06 18.25 2.61
CA HIS A 161 8.32 18.81 3.77
C HIS A 161 9.16 18.39 4.97
N LYS A 162 9.62 19.40 5.75
N LYS A 162 9.66 19.34 5.75
CA LYS A 162 10.58 19.17 6.85
CA LYS A 162 10.62 18.95 6.78
C LYS A 162 10.01 18.81 8.23
C LYS A 162 10.05 18.10 7.93
N ALA A 163 8.78 18.30 8.27
CA ALA A 163 8.23 17.69 9.47
C ALA A 163 7.88 16.23 9.19
N ILE A 164 8.15 15.35 10.14
CA ILE A 164 7.69 13.97 10.09
C ILE A 164 6.36 13.99 10.84
N GLN A 165 5.30 13.59 10.17
CA GLN A 165 3.96 13.61 10.75
C GLN A 165 3.52 12.28 11.33
N LEU A 166 2.59 12.38 12.28
CA LEU A 166 1.98 11.23 12.92
C LEU A 166 0.52 11.14 12.50
N ILE A 167 0.19 10.02 11.86
CA ILE A 167 -1.19 9.68 11.50
C ILE A 167 -1.63 8.75 12.65
N ASP A 168 -2.41 9.27 13.60
CA ASP A 168 -2.83 8.51 14.79
C ASP A 168 -4.17 7.86 14.49
N LEU A 169 -4.12 6.56 14.21
CA LEU A 169 -5.28 5.80 13.78
C LEU A 169 -6.32 5.60 14.89
N LYS A 170 -5.89 5.70 16.14
CA LYS A 170 -6.80 5.52 17.27
C LYS A 170 -7.66 6.76 17.51
N ASN A 171 -7.03 7.93 17.62
CA ASN A 171 -7.81 9.17 17.86
CA ASN A 171 -7.71 9.21 17.85
C ASN A 171 -8.18 9.89 16.57
N ARG A 172 -7.75 9.35 15.42
CA ARG A 172 -8.10 9.89 14.11
C ARG A 172 -7.70 11.36 13.98
N MSE A 173 -6.43 11.61 14.28
CA MSE A 173 -5.83 12.94 14.28
C MSE A 173 -4.49 12.92 13.58
O MSE A 173 -3.72 11.97 13.78
CB MSE A 173 -5.56 13.39 15.73
CG MSE A 173 -6.77 13.57 16.63
SE MSE A 173 -7.78 15.16 16.13
CE MSE A 173 -6.33 16.41 16.10
N LEU A 174 -4.22 13.95 12.78
CA LEU A 174 -2.94 14.15 12.12
C LEU A 174 -2.19 15.23 12.91
N SER A 175 -0.94 14.96 13.23
CA SER A 175 -0.10 15.92 13.94
C SER A 175 1.30 15.95 13.33
N SER A 176 2.10 16.94 13.77
CA SER A 176 3.46 17.13 13.28
C SER A 176 4.44 17.22 14.46
N PRO A 177 4.69 16.08 15.13
CA PRO A 177 5.50 16.10 16.37
C PRO A 177 7.01 16.28 16.17
N LEU A 178 7.52 15.92 14.99
CA LEU A 178 8.95 15.95 14.70
C LEU A 178 9.30 17.02 13.68
N ASN A 179 9.76 18.17 14.18
CA ASN A 179 10.16 19.26 13.29
C ASN A 179 11.63 19.21 12.87
N ILE A 180 12.37 18.26 13.43
CA ILE A 180 13.78 17.98 13.09
C ILE A 180 14.58 19.21 12.63
N ASN A 181 14.50 20.26 13.45
CA ASN A 181 15.13 21.54 13.12
C ASN A 181 16.62 21.48 12.79
N THR A 182 17.35 20.55 13.38
CA THR A 182 18.80 20.47 13.13
C THR A 182 19.14 19.77 11.81
N ILE A 183 18.18 19.09 11.17
CA ILE A 183 18.43 18.44 9.88
C ILE A 183 18.57 19.53 8.81
N PRO A 184 19.60 19.44 7.95
CA PRO A 184 19.94 20.50 6.99
C PRO A 184 19.16 20.52 5.69
N THR A 185 18.08 19.76 5.59
CA THR A 185 17.30 19.70 4.37
C THR A 185 15.89 19.23 4.66
N ASN A 186 15.00 19.46 3.71
CA ASN A 186 13.62 18.99 3.81
C ASN A 186 13.41 17.70 2.99
N ARG A 187 14.50 17.15 2.45
CA ARG A 187 14.45 15.92 1.67
C ARG A 187 14.62 14.71 2.60
N ILE A 188 13.53 14.33 3.27
CA ILE A 188 13.52 13.19 4.21
C ILE A 188 13.09 11.96 3.40
N ARG A 189 13.89 10.89 3.47
CA ARG A 189 13.70 9.72 2.60
C ARG A 189 13.16 8.42 3.22
N SER A 190 13.42 8.17 4.50
CA SER A 190 12.95 6.92 5.11
C SER A 190 12.98 6.93 6.61
N ILE A 191 12.14 6.06 7.16
CA ILE A 191 12.04 5.84 8.59
C ILE A 191 12.20 4.35 8.88
N ALA A 192 13.08 4.04 9.82
CA ALA A 192 13.29 2.67 10.30
C ALA A 192 13.44 2.73 11.82
N PHE A 193 13.47 1.57 12.46
CA PHE A 193 13.62 1.45 13.91
C PHE A 193 14.65 0.35 14.25
N ASN A 194 15.43 0.55 15.31
CA ASN A 194 16.39 -0.49 15.71
C ASN A 194 15.71 -1.73 16.29
N LYS A 195 16.34 -2.88 16.12
CA LYS A 195 15.93 -4.10 16.82
C LYS A 195 16.66 -4.04 18.16
N LYS A 196 16.18 -4.72 19.19
CA LYS A 196 16.86 -4.74 20.49
CA LYS A 196 16.85 -4.72 20.49
C LYS A 196 18.34 -5.06 20.33
N ILE A 197 19.19 -4.34 21.06
CA ILE A 197 20.63 -4.59 21.07
C ILE A 197 20.98 -4.87 22.52
N GLU A 198 21.26 -6.13 22.83
CA GLU A 198 21.60 -6.52 24.20
C GLU A 198 22.72 -5.65 24.75
N GLY A 199 22.51 -5.12 25.95
CA GLY A 199 23.46 -4.24 26.62
C GLY A 199 23.44 -2.78 26.20
N TYR A 200 22.68 -2.43 25.16
CA TYR A 200 22.73 -1.07 24.62
C TYR A 200 21.42 -0.34 24.27
N ALA A 201 20.42 -1.05 23.75
CA ALA A 201 19.19 -0.40 23.28
C ALA A 201 18.00 -1.34 23.24
N ASP A 202 16.87 -0.88 23.78
CA ASP A 202 15.64 -1.66 23.74
C ASP A 202 15.03 -1.61 22.35
N GLU A 203 14.13 -2.54 22.09
CA GLU A 203 13.42 -2.65 20.81
C GLU A 203 12.76 -1.33 20.44
N ALA A 204 13.07 -0.82 19.25
CA ALA A 204 12.50 0.44 18.73
C ALA A 204 12.65 1.65 19.64
N GLU A 205 13.73 1.68 20.41
CA GLU A 205 14.03 2.82 21.27
C GLU A 205 14.50 3.98 20.39
N TYR A 206 14.97 3.67 19.18
CA TYR A 206 15.45 4.67 18.25
C TYR A 206 14.81 4.62 16.86
N MSE A 207 14.38 5.78 16.40
CA MSE A 207 13.89 5.99 15.04
C MSE A 207 15.12 6.37 14.24
O MSE A 207 15.88 7.26 14.67
CB MSE A 207 12.85 7.11 15.00
CG MSE A 207 12.27 7.36 13.60
SE MSE A 207 11.07 8.91 13.50
CE MSE A 207 9.47 8.23 14.42
N ILE A 208 15.32 5.72 13.10
CA ILE A 208 16.48 5.94 12.24
C ILE A 208 15.95 6.59 10.96
N VAL A 209 16.42 7.80 10.68
CA VAL A 209 15.93 8.61 9.58
C VAL A 209 16.98 8.95 8.55
N ALA A 210 16.70 8.57 7.29
CA ALA A 210 17.59 8.85 6.16
C ALA A 210 17.18 10.14 5.43
N ILE A 211 18.16 10.96 5.05
CA ILE A 211 17.90 12.21 4.34
C ILE A 211 18.78 12.27 3.08
N ASP A 212 18.37 13.08 2.10
CA ASP A 212 19.01 13.18 0.76
C ASP A 212 19.66 14.56 0.64
N TYR A 213 20.97 14.62 0.86
CA TYR A 213 21.67 15.89 0.95
C TYR A 213 23.10 15.80 0.41
N ASP A 214 23.57 16.91 -0.16
CA ASP A 214 24.95 17.02 -0.69
C ASP A 214 25.54 18.43 -0.54
N GLY A 215 25.03 19.19 0.43
CA GLY A 215 25.48 20.57 0.66
C GLY A 215 26.88 20.72 1.23
N LYS A 216 27.45 19.60 1.70
CA LYS A 216 28.82 19.56 2.19
C LYS A 216 29.63 18.53 1.39
N GLY A 217 29.36 18.43 0.10
CA GLY A 217 30.06 17.47 -0.76
C GLY A 217 29.97 16.05 -0.21
N ASP A 218 31.13 15.36 -0.13
CA ASP A 218 31.14 13.96 0.34
CA ASP A 218 31.18 13.96 0.34
C ASP A 218 31.33 13.81 1.87
N GLU A 219 30.93 14.84 2.62
CA GLU A 219 30.93 14.76 4.09
C GLU A 219 29.52 15.22 4.55
N SER A 220 28.55 15.05 3.66
CA SER A 220 27.16 15.47 3.89
C SER A 220 26.37 14.44 4.69
N PRO A 221 25.60 14.88 5.70
CA PRO A 221 24.74 13.96 6.47
C PRO A 221 23.87 13.04 5.61
N SER A 222 23.75 11.79 6.08
CA SER A 222 22.94 10.77 5.44
C SER A 222 21.89 10.18 6.36
N VAL A 223 22.28 9.82 7.58
CA VAL A 223 21.36 9.17 8.53
C VAL A 223 21.46 9.73 9.96
N TYR A 224 20.30 9.99 10.55
CA TYR A 224 20.18 10.45 11.93
C TYR A 224 19.48 9.39 12.76
N ILE A 225 19.67 9.48 14.07
CA ILE A 225 19.03 8.58 15.03
C ILE A 225 18.33 9.43 16.09
N ILE A 226 17.05 9.14 16.33
CA ILE A 226 16.20 9.90 17.27
C ILE A 226 15.72 9.01 18.42
N LYS A 227 16.03 9.38 19.64
CA LYS A 227 15.71 8.57 20.81
C LYS A 227 14.33 8.83 21.37
N ARG A 228 13.61 7.74 21.63
CA ARG A 228 12.29 7.80 22.21
C ARG A 228 12.34 8.48 23.59
N ASN A 229 11.37 9.35 23.83
CA ASN A 229 11.26 10.05 25.11
C ASN A 229 10.82 9.09 26.21
N ALA A 230 11.01 9.52 27.47
CA ALA A 230 10.62 8.73 28.62
C ALA A 230 9.12 8.38 28.60
N ASP A 231 8.29 9.25 28.02
CA ASP A 231 6.85 8.96 27.95
C ASP A 231 6.45 8.12 26.72
N GLY A 232 7.43 7.62 25.96
CA GLY A 232 7.15 6.78 24.81
C GLY A 232 7.01 7.48 23.47
N THR A 233 7.03 8.81 23.46
CA THR A 233 6.85 9.58 22.23
C THR A 233 8.14 9.88 21.47
N PHE A 234 7.99 10.25 20.20
CA PHE A 234 9.10 10.78 19.41
C PHE A 234 8.66 12.21 19.05
N ASP A 235 9.32 13.23 19.62
CA ASP A 235 8.95 14.62 19.29
C ASP A 235 10.15 15.58 19.42
N ASP A 236 9.89 16.88 19.50
CA ASP A 236 10.98 17.86 19.55
C ASP A 236 11.78 17.83 20.88
N ARG A 237 11.35 17.04 21.85
CA ARG A 237 12.12 16.87 23.08
C ARG A 237 13.14 15.75 22.92
N SER A 238 12.95 14.94 21.89
CA SER A 238 13.81 13.78 21.64
C SER A 238 15.23 14.14 21.25
N ASP A 239 16.18 13.41 21.85
CA ASP A 239 17.58 13.56 21.51
C ASP A 239 17.78 13.09 20.06
N ILE A 240 18.51 13.86 19.26
CA ILE A 240 18.79 13.51 17.86
C ILE A 240 20.29 13.61 17.60
N GLN A 241 20.87 12.57 16.99
CA GLN A 241 22.29 12.52 16.70
C GLN A 241 22.56 12.06 15.25
N LEU A 242 23.63 12.61 14.67
N LEU A 242 23.61 12.63 14.66
CA LEU A 242 24.08 12.24 13.33
CA LEU A 242 24.01 12.29 13.29
C LEU A 242 24.84 10.94 13.46
C LEU A 242 24.89 11.04 13.38
N ILE A 243 24.44 9.91 12.71
N ILE A 243 24.44 9.93 12.78
CA ILE A 243 25.11 8.61 12.82
CA ILE A 243 25.23 8.70 12.86
C ILE A 243 25.93 8.23 11.58
C ILE A 243 26.05 8.36 11.59
N ALA A 244 25.61 8.81 10.41
CA ALA A 244 26.35 8.54 9.18
C ALA A 244 26.26 9.71 8.22
N ALA A 245 27.39 10.03 7.60
CA ALA A 245 27.49 11.12 6.64
C ALA A 245 28.37 10.76 5.45
N TYR A 246 27.77 10.68 4.26
CA TYR A 246 28.52 10.54 3.01
C TYR A 246 27.93 11.59 2.06
N LYS A 247 26.81 11.25 1.43
CA LYS A 247 26.03 12.16 0.59
C LYS A 247 24.98 11.41 -0.21
N GLN A 248 23.95 12.12 -0.63
CA GLN A 248 22.93 11.57 -1.53
C GLN A 248 22.33 10.23 -1.12
N CYS A 249 21.99 10.11 0.16
CA CYS A 249 21.35 8.88 0.66
C CYS A 249 19.88 8.88 0.25
N ASN A 250 19.35 7.73 -0.15
CA ASN A 250 17.95 7.60 -0.55
C ASN A 250 17.15 6.72 0.42
N GLY A 251 17.80 6.16 1.43
CA GLY A 251 17.11 5.31 2.40
C GLY A 251 18.05 4.51 3.27
N ALA A 252 17.54 4.08 4.43
CA ALA A 252 18.27 3.26 5.39
C ALA A 252 17.31 2.20 5.95
N THR A 253 17.79 0.96 6.04
CA THR A 253 16.96 -0.18 6.44
C THR A 253 17.67 -1.06 7.46
N ILE A 254 16.91 -1.60 8.42
CA ILE A 254 17.42 -2.47 9.48
C ILE A 254 17.18 -3.95 9.15
N HIS A 255 18.20 -4.78 9.35
CA HIS A 255 18.05 -6.22 9.13
C HIS A 255 17.13 -6.76 10.23
N PRO A 256 16.02 -7.43 9.85
CA PRO A 256 15.02 -7.85 10.84
C PRO A 256 15.44 -8.94 11.81
N ILE A 257 16.54 -9.66 11.53
CA ILE A 257 17.01 -10.70 12.45
C ILE A 257 18.25 -10.27 13.23
N ASN A 258 19.27 -9.78 12.53
CA ASN A 258 20.56 -9.43 13.14
C ASN A 258 20.72 -7.96 13.57
N GLY A 259 19.85 -7.09 13.06
CA GLY A 259 19.79 -5.69 13.48
C GLY A 259 20.74 -4.66 12.90
N GLU A 260 21.67 -5.05 12.02
CA GLU A 260 22.58 -4.08 11.45
C GLU A 260 21.82 -3.15 10.48
N LEU A 261 22.44 -2.02 10.15
CA LEU A 261 21.86 -1.00 9.29
C LEU A 261 22.49 -0.95 7.89
N TYR A 262 21.64 -0.97 6.87
CA TYR A 262 22.07 -0.81 5.49
C TYR A 262 21.56 0.52 4.95
N PHE A 263 22.47 1.33 4.38
CA PHE A 263 22.09 2.58 3.74
C PHE A 263 22.94 2.77 2.47
N ASN A 264 22.43 3.57 1.53
CA ASN A 264 23.12 3.76 0.25
C ASN A 264 23.57 5.20 -0.04
N SER A 265 24.15 5.35 -1.23
CA SER A 265 24.39 6.65 -1.83
C SER A 265 24.08 6.50 -3.32
N TYR A 266 23.34 7.47 -3.83
CA TYR A 266 23.04 7.58 -5.25
C TYR A 266 24.29 7.81 -6.12
N GLU A 267 25.30 8.45 -5.55
CA GLU A 267 26.53 8.78 -6.30
C GLU A 267 26.99 7.64 -7.23
N LYS A 268 27.37 6.50 -6.64
CA LYS A 268 27.79 5.31 -7.39
C LYS A 268 26.89 4.10 -7.10
N GLY A 269 25.81 4.33 -6.37
CA GLY A 269 24.91 3.24 -5.97
C GLY A 269 25.54 2.34 -4.91
N GLN A 270 26.37 2.93 -4.05
CA GLN A 270 27.01 2.20 -2.96
C GLN A 270 26.00 1.68 -1.95
N VAL A 271 26.29 0.54 -1.33
CA VAL A 271 25.54 0.02 -0.20
C VAL A 271 26.53 -0.09 0.97
N PHE A 272 26.22 0.60 2.06
CA PHE A 272 27.04 0.61 3.27
C PHE A 272 26.36 -0.16 4.39
N ARG A 273 27.17 -0.81 5.24
CA ARG A 273 26.71 -1.61 6.37
C ARG A 273 27.31 -1.07 7.67
N LEU A 274 26.43 -0.72 8.62
CA LEU A 274 26.85 -0.25 9.94
C LEU A 274 26.28 -1.15 11.04
N ASP A 275 27.15 -1.62 11.92
CA ASP A 275 26.74 -2.38 13.08
C ASP A 275 26.51 -1.32 14.15
N LEU A 276 25.25 -1.12 14.56
CA LEU A 276 24.93 -0.10 15.56
C LEU A 276 25.64 -0.32 16.90
N VAL A 277 26.04 -1.56 17.21
CA VAL A 277 26.81 -1.84 18.44
C VAL A 277 28.04 -0.94 18.51
N ASP A 278 28.69 -0.71 17.36
CA ASP A 278 29.88 0.16 17.30
C ASP A 278 29.53 1.57 17.79
N TYR A 279 28.38 2.06 17.38
CA TYR A 279 27.90 3.38 17.76
C TYR A 279 27.60 3.48 19.25
N PHE A 280 26.79 2.56 19.76
CA PHE A 280 26.38 2.62 21.18
C PHE A 280 27.54 2.35 22.14
N LYS A 281 28.45 1.46 21.77
CA LYS A 281 29.64 1.16 22.58
C LYS A 281 30.51 2.41 22.71
N THR A 282 30.66 3.16 21.62
CA THR A 282 31.46 4.40 21.60
C THR A 282 30.87 5.49 22.50
N ILE A 283 29.56 5.72 22.39
CA ILE A 283 28.90 6.75 23.19
C ILE A 283 28.84 6.35 24.67
N LYS A 284 28.64 5.06 24.94
CA LYS A 284 28.57 4.56 26.32
C LYS A 284 29.89 4.79 27.06
N ASN A 285 31.02 4.61 26.36
CA ASN A 285 32.34 4.79 26.96
C ASN A 285 32.87 6.23 26.91
N GLY A 286 31.96 7.20 26.75
CA GLY A 286 32.31 8.62 26.70
C GLY A 286 33.17 8.98 25.50
N GLY A 287 32.99 8.24 24.40
CA GLY A 287 33.75 8.48 23.20
C GLY A 287 33.06 9.42 22.25
N SER A 288 33.81 9.89 21.25
CA SER A 288 33.31 10.76 20.21
C SER A 288 33.03 9.89 18.98
N TRP A 289 31.81 9.94 18.48
CA TRP A 289 31.47 9.19 17.27
C TRP A 289 31.81 10.01 16.04
N ASP A 290 32.51 9.39 15.08
CA ASP A 290 32.84 10.05 13.81
C ASP A 290 31.90 9.48 12.73
N PRO A 291 30.95 10.30 12.25
CA PRO A 291 29.98 9.84 11.24
C PRO A 291 30.48 9.92 9.79
N ILE A 292 31.67 10.51 9.57
CA ILE A 292 32.22 10.65 8.22
CA ILE A 292 32.22 10.65 8.22
C ILE A 292 32.57 9.26 7.66
N VAL A 293 31.69 8.73 6.81
CA VAL A 293 31.85 7.42 6.21
C VAL A 293 33.20 7.18 5.51
N LYS A 294 33.61 8.13 4.68
CA LYS A 294 34.86 7.96 3.90
C LYS A 294 36.12 7.73 4.77
N ASN A 295 36.16 8.33 5.96
CA ASN A 295 37.33 8.20 6.83
C ASN A 295 37.32 6.94 7.70
N ASN A 296 36.24 6.17 7.68
CA ASN A 296 36.13 4.99 8.53
C ASN A 296 35.58 3.80 7.75
N PRO A 297 36.38 3.26 6.81
CA PRO A 297 35.91 2.16 5.98
C PRO A 297 35.66 0.84 6.69
N ASN A 298 36.27 0.62 7.85
CA ASN A 298 36.05 -0.61 8.61
C ASN A 298 34.73 -0.60 9.38
N THR A 299 34.24 0.57 9.77
CA THR A 299 32.98 0.70 10.54
CA THR A 299 32.97 0.65 10.54
C THR A 299 31.75 0.88 9.63
N PHE A 300 31.90 1.68 8.57
CA PHE A 300 30.83 1.89 7.58
C PHE A 300 31.29 1.09 6.36
N LYS A 301 31.08 -0.21 6.40
CA LYS A 301 31.60 -1.10 5.36
C LYS A 301 30.85 -0.99 4.02
N GLN A 302 31.58 -0.68 2.95
CA GLN A 302 31.00 -0.60 1.60
C GLN A 302 31.03 -1.99 0.97
N LEU A 303 29.87 -2.64 0.88
CA LEU A 303 29.81 -4.01 0.38
C LEU A 303 29.98 -4.11 -1.13
N PHE A 304 29.38 -3.18 -1.86
CA PHE A 304 29.39 -3.15 -3.31
C PHE A 304 28.65 -1.92 -3.81
N THR A 305 28.71 -1.74 -5.13
CA THR A 305 27.93 -0.76 -5.86
C THR A 305 26.95 -1.66 -6.62
N ILE A 306 25.66 -1.35 -6.64
CA ILE A 306 24.71 -2.29 -7.27
C ILE A 306 24.65 -2.28 -8.81
N ALA A 307 24.96 -1.14 -9.43
CA ALA A 307 24.91 -0.97 -10.88
C ALA A 307 25.81 0.18 -11.33
N ASP A 308 25.23 1.16 -12.02
CA ASP A 308 25.97 2.31 -12.54
C ASP A 308 25.79 3.55 -11.65
N PRO A 309 26.53 4.63 -11.94
CA PRO A 309 26.38 5.83 -11.12
C PRO A 309 25.01 6.47 -11.25
N SER A 310 24.65 7.27 -10.25
CA SER A 310 23.39 7.99 -10.22
C SER A 310 22.22 7.00 -10.16
N TRP A 311 22.27 6.11 -9.19
CA TRP A 311 21.29 5.05 -9.03
C TRP A 311 20.51 5.32 -7.74
N GLU A 312 19.24 5.68 -7.88
CA GLU A 312 18.39 6.01 -6.74
C GLU A 312 17.61 4.79 -6.30
N PHE A 313 17.84 4.32 -5.06
CA PHE A 313 17.16 3.09 -4.62
C PHE A 313 17.00 2.92 -3.13
N GLN A 314 16.03 2.07 -2.77
CA GLN A 314 15.78 1.68 -1.39
C GLN A 314 15.88 0.15 -1.25
N ILE A 315 16.08 -0.28 -0.01
CA ILE A 315 16.31 -1.68 0.33
C ILE A 315 15.13 -2.22 1.14
N PHE A 316 14.54 -3.31 0.65
CA PHE A 316 13.40 -3.97 1.29
C PHE A 316 13.81 -5.40 1.62
N ILE A 317 13.93 -5.69 2.91
CA ILE A 317 14.42 -6.99 3.38
C ILE A 317 13.27 -7.93 3.75
N HIS A 318 13.38 -9.18 3.30
CA HIS A 318 12.40 -10.23 3.56
C HIS A 318 12.31 -10.45 5.08
N PRO A 319 11.11 -10.77 5.60
CA PRO A 319 10.98 -10.97 7.06
C PRO A 319 11.93 -12.01 7.68
N THR A 320 12.34 -13.02 6.91
CA THR A 320 13.28 -14.02 7.40
C THR A 320 14.71 -13.47 7.42
N GLY A 321 14.93 -12.35 6.75
CA GLY A 321 16.25 -11.74 6.62
C GLY A 321 17.16 -12.48 5.63
N LYS A 322 16.62 -13.44 4.90
CA LYS A 322 17.44 -14.28 4.02
C LYS A 322 17.73 -13.68 2.63
N TYR A 323 16.97 -12.64 2.27
CA TYR A 323 17.20 -11.90 1.03
C TYR A 323 16.53 -10.54 1.08
N ALA A 324 16.84 -9.71 0.09
CA ALA A 324 16.30 -8.37 -0.04
C ALA A 324 16.07 -7.99 -1.49
N TYR A 325 15.13 -7.08 -1.71
CA TYR A 325 14.92 -6.49 -3.01
C TYR A 325 15.40 -5.04 -2.98
N PHE A 326 16.12 -4.61 -4.01
CA PHE A 326 16.57 -3.24 -4.11
C PHE A 326 15.70 -2.59 -5.20
N GLY A 327 14.86 -1.63 -4.81
CA GLY A 327 13.97 -0.95 -5.74
C GLY A 327 14.65 0.28 -6.33
N VAL A 328 15.00 0.20 -7.62
CA VAL A 328 15.68 1.29 -8.32
C VAL A 328 14.62 2.25 -8.87
N ILE A 329 14.30 3.24 -8.02
CA ILE A 329 13.27 4.24 -8.27
C ILE A 329 13.40 4.96 -9.61
N ASN A 330 14.61 5.43 -9.91
CA ASN A 330 14.83 6.22 -11.12
C ASN A 330 15.12 5.43 -12.41
N ASN A 331 15.29 4.11 -12.31
CA ASN A 331 15.58 3.30 -13.49
C ASN A 331 14.64 2.12 -13.76
N HIS A 332 13.56 2.06 -12.98
CA HIS A 332 12.40 1.21 -13.23
C HIS A 332 12.54 -0.31 -13.14
N TYR A 333 13.28 -0.78 -12.14
CA TYR A 333 13.41 -2.22 -11.89
C TYR A 333 13.82 -2.51 -10.43
N PHE A 334 13.69 -3.79 -10.05
CA PHE A 334 14.15 -4.31 -8.77
C PHE A 334 15.26 -5.33 -9.00
N MSE A 335 16.25 -5.29 -8.12
CA MSE A 335 17.31 -6.28 -8.05
C MSE A 335 17.06 -7.11 -6.79
O MSE A 335 16.35 -6.69 -5.87
CB MSE A 335 18.69 -5.62 -8.00
CG MSE A 335 19.00 -4.71 -9.19
SE MSE A 335 20.81 -4.02 -9.17
CE MSE A 335 21.72 -5.64 -9.70
N ARG A 336 17.65 -8.31 -6.75
CA ARG A 336 17.53 -9.21 -5.61
C ARG A 336 18.92 -9.51 -5.09
N SER A 337 19.05 -9.54 -3.77
CA SER A 337 20.31 -9.84 -3.12
C SER A 337 20.12 -10.93 -2.05
N ASP A 338 20.93 -12.00 -2.10
CA ASP A 338 20.92 -13.04 -1.08
C ASP A 338 21.74 -12.64 0.15
N TYR A 339 21.34 -13.12 1.32
CA TYR A 339 22.02 -12.79 2.58
C TYR A 339 22.86 -13.95 3.07
N ASP A 340 24.17 -13.72 3.24
CA ASP A 340 25.06 -14.75 3.76
C ASP A 340 24.88 -14.73 5.28
N GLU A 341 24.27 -15.78 5.80
CA GLU A 341 23.96 -15.86 7.23
C GLU A 341 25.15 -16.03 8.17
N ILE A 342 26.29 -16.46 7.65
CA ILE A 342 27.50 -16.62 8.47
C ILE A 342 28.22 -15.26 8.56
N LYS A 343 28.47 -14.62 7.42
CA LYS A 343 29.08 -13.27 7.39
C LYS A 343 28.13 -12.17 7.87
N LYS A 344 26.83 -12.45 7.81
CA LYS A 344 25.80 -11.48 8.18
C LYS A 344 25.84 -10.24 7.27
N GLU A 345 25.98 -10.49 5.97
CA GLU A 345 26.02 -9.44 4.95
C GLU A 345 25.26 -9.88 3.71
N PHE A 346 24.72 -8.91 2.99
CA PHE A 346 24.13 -9.17 1.68
C PHE A 346 25.28 -9.33 0.67
N ILE A 347 25.01 -10.06 -0.42
CA ILE A 347 26.01 -10.26 -1.47
C ILE A 347 25.55 -9.56 -2.75
N THR A 348 26.49 -9.35 -3.67
CA THR A 348 26.23 -8.65 -4.93
C THR A 348 24.87 -9.04 -5.51
N PRO A 349 24.01 -8.04 -5.76
CA PRO A 349 22.67 -8.32 -6.27
C PRO A 349 22.62 -8.57 -7.78
N TYR A 350 21.47 -9.05 -8.25
CA TYR A 350 21.25 -9.31 -9.66
C TYR A 350 19.85 -8.83 -10.07
N ASN A 351 19.70 -8.54 -11.36
CA ASN A 351 18.41 -8.06 -11.88
CA ASN A 351 18.42 -8.07 -11.92
C ASN A 351 17.33 -9.11 -11.64
N PHE A 352 16.20 -8.67 -11.08
CA PHE A 352 15.09 -9.58 -10.71
C PHE A 352 13.81 -9.35 -11.52
N VAL A 353 13.18 -8.17 -11.37
CA VAL A 353 11.96 -7.87 -12.12
C VAL A 353 12.00 -6.45 -12.66
N GLY A 354 11.40 -6.24 -13.83
CA GLY A 354 11.39 -4.94 -14.48
C GLY A 354 12.53 -4.83 -15.50
N GLY A 355 12.42 -3.82 -16.36
CA GLY A 355 13.42 -3.55 -17.39
C GLY A 355 14.40 -2.45 -17.03
N TYR A 356 15.68 -2.83 -16.95
CA TYR A 356 16.81 -1.93 -16.73
C TYR A 356 16.70 -0.66 -17.60
N LYS A 357 16.44 0.49 -16.95
CA LYS A 357 16.33 1.79 -17.65
C LYS A 357 15.23 1.83 -18.71
N GLN A 358 14.19 1.02 -18.53
CA GLN A 358 13.09 0.96 -19.48
C GLN A 358 11.74 1.07 -18.77
N SER A 359 11.23 2.30 -18.65
CA SER A 359 9.93 2.52 -18.02
C SER A 359 8.79 1.96 -18.86
N GLY A 360 7.71 1.57 -18.17
CA GLY A 360 6.51 1.07 -18.85
C GLY A 360 5.50 0.51 -17.87
N TYR A 361 4.47 -0.14 -18.42
CA TYR A 361 3.47 -0.83 -17.63
C TYR A 361 3.16 -2.16 -18.30
N ARG A 362 3.67 -3.25 -17.72
CA ARG A 362 3.43 -4.57 -18.26
C ARG A 362 3.58 -5.64 -17.20
N ASP A 363 2.51 -6.38 -16.98
CA ASP A 363 2.52 -7.53 -16.10
C ASP A 363 3.13 -8.67 -16.90
N ASP A 364 4.19 -9.26 -16.37
CA ASP A 364 4.92 -10.35 -17.01
C ASP A 364 5.89 -10.95 -15.98
N VAL A 365 6.77 -11.85 -16.42
CA VAL A 365 7.72 -12.54 -15.55
C VAL A 365 9.10 -11.91 -15.65
N GLY A 366 9.76 -11.77 -14.50
CA GLY A 366 11.13 -11.27 -14.44
C GLY A 366 11.41 -9.95 -15.15
N THR A 367 12.48 -9.93 -15.93
CA THR A 367 12.92 -8.73 -16.66
C THR A 367 12.07 -8.36 -17.89
N GLU A 368 11.00 -9.12 -18.13
N GLU A 368 10.99 -9.10 -18.13
CA GLU A 368 10.04 -8.80 -19.20
CA GLU A 368 10.06 -8.74 -19.19
C GLU A 368 8.92 -7.91 -18.64
C GLU A 368 8.93 -7.87 -18.64
N ALA A 369 8.80 -7.84 -17.32
CA ALA A 369 7.81 -6.97 -16.68
C ALA A 369 8.28 -5.53 -16.87
N ARG A 370 7.34 -4.60 -16.83
CA ARG A 370 7.64 -3.19 -16.92
C ARG A 370 6.91 -2.43 -15.82
N MSE A 371 7.61 -1.46 -15.25
CA MSE A 371 7.10 -0.59 -14.18
C MSE A 371 7.63 0.83 -14.42
O MSE A 371 8.42 1.06 -15.34
CB MSE A 371 7.50 -1.15 -12.82
CG MSE A 371 9.00 -1.35 -12.67
SE MSE A 371 9.52 -2.42 -11.12
CE MSE A 371 8.87 -4.18 -11.59
N ASN A 372 7.20 1.79 -13.61
CA ASN A 372 7.58 3.17 -13.83
C ASN A 372 7.66 3.92 -12.50
N ASN A 373 8.89 4.10 -12.03
CA ASN A 373 9.17 4.75 -10.73
CA ASN A 373 9.20 4.74 -10.75
C ASN A 373 8.64 3.90 -9.58
N PRO A 374 9.19 2.69 -9.40
CA PRO A 374 8.75 1.83 -8.29
C PRO A 374 9.21 2.43 -6.96
N CYS A 375 8.26 2.56 -6.02
CA CYS A 375 8.56 3.16 -4.72
C CYS A 375 8.41 2.13 -3.58
N GLN A 376 7.75 2.48 -2.47
CA GLN A 376 7.79 1.63 -1.30
C GLN A 376 7.16 0.25 -1.50
N GLY A 377 7.79 -0.74 -0.90
CA GLY A 377 7.33 -2.12 -0.99
C GLY A 377 7.28 -2.80 0.36
N VAL A 378 6.44 -3.83 0.47
CA VAL A 378 6.28 -4.59 1.68
C VAL A 378 6.08 -6.07 1.39
N PHE A 379 6.54 -6.92 2.31
CA PHE A 379 6.32 -8.36 2.21
C PHE A 379 5.04 -8.75 2.96
N VAL A 380 4.23 -9.59 2.34
CA VAL A 380 2.95 -9.99 2.90
C VAL A 380 2.77 -11.50 2.84
N LYS A 381 2.40 -12.08 3.98
CA LYS A 381 2.20 -13.52 4.06
C LYS A 381 1.04 -13.96 3.19
N ASN A 382 1.29 -15.02 2.44
CA ASN A 382 0.30 -15.67 1.60
C ASN A 382 -0.02 -17.02 2.26
N PRO A 383 -1.23 -17.17 2.82
CA PRO A 383 -1.61 -18.44 3.48
C PRO A 383 -1.59 -19.67 2.57
N ASP A 384 -1.63 -19.47 1.25
CA ASP A 384 -1.56 -20.59 0.32
C ASP A 384 -0.15 -21.19 0.21
N TYR A 385 0.88 -20.46 0.65
CA TYR A 385 2.24 -20.98 0.57
C TYR A 385 2.52 -21.85 1.79
N THR A 386 3.07 -23.04 1.57
CA THR A 386 3.33 -24.00 2.65
C THR A 386 4.80 -24.35 2.90
N GLY A 387 5.70 -24.00 1.98
CA GLY A 387 7.13 -24.31 2.15
C GLY A 387 7.85 -23.28 3.01
N GLU A 388 9.15 -23.14 2.77
CA GLU A 388 9.95 -22.14 3.52
C GLU A 388 9.68 -20.71 3.07
N GLU A 389 9.19 -20.53 1.85
CA GLU A 389 8.87 -19.19 1.35
C GLU A 389 7.38 -18.93 1.60
N GLU A 390 7.07 -18.04 2.54
CA GLU A 390 5.67 -17.77 2.92
C GLU A 390 5.13 -16.40 2.51
N TYR A 391 5.90 -15.63 1.74
CA TYR A 391 5.51 -14.28 1.40
C TYR A 391 5.54 -13.90 -0.06
N ASP A 392 4.67 -12.94 -0.39
CA ASP A 392 4.67 -12.23 -1.66
C ASP A 392 5.14 -10.81 -1.32
N PHE A 393 5.42 -10.03 -2.37
CA PHE A 393 5.90 -8.67 -2.23
C PHE A 393 4.96 -7.74 -2.99
N TYR A 394 4.59 -6.62 -2.38
CA TYR A 394 3.68 -5.64 -2.95
C TYR A 394 4.37 -4.29 -2.94
N PHE A 395 4.25 -3.52 -4.01
CA PHE A 395 4.88 -2.20 -4.08
C PHE A 395 4.04 -1.20 -4.85
N VAL A 396 4.20 0.08 -4.51
CA VAL A 396 3.49 1.12 -5.22
C VAL A 396 4.34 1.53 -6.44
N ASP A 397 3.74 1.43 -7.62
CA ASP A 397 4.37 1.71 -8.92
C ASP A 397 3.89 3.11 -9.25
N ARG A 398 4.71 4.10 -8.90
CA ARG A 398 4.23 5.49 -8.83
C ARG A 398 3.55 6.06 -10.06
N LEU A 399 4.23 5.99 -11.21
CA LEU A 399 3.69 6.60 -12.42
C LEU A 399 2.69 5.72 -13.16
N ASN A 400 2.43 4.53 -12.62
CA ASN A 400 1.38 3.65 -13.14
C ASN A 400 0.14 3.64 -12.23
N PHE A 401 0.16 4.46 -11.18
CA PHE A 401 -1.01 4.67 -10.32
C PHE A 401 -1.64 3.40 -9.76
N CYS A 402 -0.80 2.48 -9.29
CA CYS A 402 -1.31 1.21 -8.76
C CYS A 402 -0.34 0.51 -7.79
N VAL A 403 -0.89 -0.48 -7.11
CA VAL A 403 -0.13 -1.39 -6.27
C VAL A 403 0.10 -2.65 -7.11
N ARG A 404 1.35 -3.07 -7.26
CA ARG A 404 1.70 -4.30 -8.00
C ARG A 404 2.12 -5.38 -7.00
N LYS A 405 2.05 -6.64 -7.43
CA LYS A 405 2.40 -7.82 -6.66
C LYS A 405 3.52 -8.56 -7.38
N VAL A 406 4.49 -9.05 -6.61
CA VAL A 406 5.62 -9.80 -7.13
C VAL A 406 5.75 -11.10 -6.34
N THR A 407 5.59 -12.24 -7.03
CA THR A 407 5.76 -13.53 -6.38
C THR A 407 7.26 -13.79 -6.24
N PRO A 408 7.66 -14.72 -5.36
CA PRO A 408 9.08 -15.03 -5.19
C PRO A 408 9.77 -15.49 -6.47
N GLU A 409 9.00 -16.07 -7.39
CA GLU A 409 9.49 -16.56 -8.68
C GLU A 409 9.68 -15.43 -9.70
N GLY A 410 9.18 -14.23 -9.38
CA GLY A 410 9.31 -13.07 -10.25
C GLY A 410 8.14 -12.76 -11.16
N ILE A 411 6.98 -13.34 -10.88
CA ILE A 411 5.78 -12.99 -11.66
C ILE A 411 5.20 -11.67 -11.09
N VAL A 412 5.09 -10.66 -11.95
CA VAL A 412 4.55 -9.36 -11.58
C VAL A 412 3.12 -9.23 -12.10
N SER A 413 2.22 -8.82 -11.20
CA SER A 413 0.82 -8.59 -11.53
C SER A 413 0.36 -7.24 -10.94
N THR A 414 -0.89 -6.87 -11.23
CA THR A 414 -1.45 -5.64 -10.72
C THR A 414 -2.49 -6.03 -9.68
N TYR A 415 -2.30 -5.54 -8.44
CA TYR A 415 -3.16 -5.90 -7.32
C TYR A 415 -4.34 -4.96 -7.11
N ALA A 416 -4.08 -3.65 -7.20
CA ALA A 416 -5.09 -2.64 -6.94
C ALA A 416 -4.81 -1.38 -7.73
N GLY A 417 -5.88 -0.80 -8.27
CA GLY A 417 -5.80 0.44 -9.04
C GLY A 417 -6.12 0.23 -10.50
N ARG A 418 -6.16 1.35 -11.23
CA ARG A 418 -6.44 1.38 -12.66
C ARG A 418 -7.81 0.74 -12.98
N GLY A 419 -8.79 1.01 -12.12
CA GLY A 419 -10.15 0.50 -12.26
C GLY A 419 -10.65 0.49 -13.70
N ALA A 420 -11.00 -0.70 -14.17
CA ALA A 420 -11.46 -0.88 -15.56
C ALA A 420 -12.64 0.00 -15.94
N SER A 421 -13.70 -0.04 -15.14
CA SER A 421 -14.92 0.72 -15.42
CA SER A 421 -14.91 0.72 -15.45
C SER A 421 -14.75 2.22 -15.30
N THR A 422 -13.97 2.66 -14.31
CA THR A 422 -13.81 4.08 -14.09
C THR A 422 -12.86 4.71 -15.11
N SER A 423 -11.82 3.97 -15.49
N SER A 423 -11.81 4.00 -15.50
CA SER A 423 -10.87 4.46 -16.50
CA SER A 423 -10.91 4.50 -16.53
C SER A 423 -11.51 4.56 -17.90
C SER A 423 -11.66 4.82 -17.85
N LEU A 424 -12.72 4.01 -18.08
N LEU A 424 -12.62 3.96 -18.19
CA LEU A 424 -13.46 4.11 -19.33
CA LEU A 424 -13.39 4.13 -19.42
C LEU A 424 -14.26 5.40 -19.36
C LEU A 424 -14.32 5.37 -19.39
N ALA A 425 -14.91 5.67 -18.23
CA ALA A 425 -15.75 6.86 -18.11
C ALA A 425 -15.00 8.13 -18.46
N ASP A 426 -13.76 8.27 -18.00
CA ASP A 426 -13.05 9.52 -18.24
C ASP A 426 -11.75 9.40 -19.06
N GLY A 427 -11.33 8.19 -19.40
CA GLY A 427 -10.13 7.97 -20.23
C GLY A 427 -8.81 8.04 -19.48
N ASN A 428 -8.86 8.13 -18.15
CA ASN A 428 -7.65 8.25 -17.34
C ASN A 428 -7.38 7.00 -16.55
N GLN A 429 -6.13 6.57 -16.49
CA GLN A 429 -5.74 5.43 -15.67
C GLN A 429 -5.60 5.83 -14.17
N TRP A 430 -5.53 7.13 -13.92
CA TRP A 430 -5.44 7.68 -12.56
C TRP A 430 -6.81 8.20 -12.14
N GLY A 431 -6.99 8.32 -10.84
CA GLY A 431 -8.25 8.80 -10.28
C GLY A 431 -8.29 8.73 -8.76
N THR A 432 -9.48 8.92 -8.21
CA THR A 432 -9.66 8.92 -6.75
C THR A 432 -10.69 7.91 -6.26
N ASP A 433 -11.24 7.10 -7.18
CA ASP A 433 -12.32 6.17 -6.81
C ASP A 433 -11.94 5.11 -5.79
N ASP A 434 -12.86 4.89 -4.85
CA ASP A 434 -12.74 3.84 -3.86
C ASP A 434 -13.52 2.62 -4.36
N GLY A 435 -13.30 1.47 -3.74
CA GLY A 435 -14.04 0.25 -4.09
C GLY A 435 -13.23 -0.92 -4.64
N ASP A 436 -13.88 -1.67 -5.52
CA ASP A 436 -13.32 -2.89 -6.08
C ASP A 436 -11.90 -2.67 -6.60
N LEU A 437 -10.98 -3.52 -6.15
CA LEU A 437 -9.54 -3.38 -6.46
C LEU A 437 -9.15 -3.15 -7.94
N ARG A 438 -9.77 -3.89 -8.88
CA ARG A 438 -9.39 -3.73 -10.29
CA ARG A 438 -9.44 -3.83 -10.32
C ARG A 438 -10.53 -3.29 -11.22
N GLU A 439 -11.78 -3.31 -10.75
CA GLU A 439 -12.89 -2.84 -11.57
C GLU A 439 -13.26 -1.38 -11.38
N VAL A 440 -12.98 -0.83 -10.20
CA VAL A 440 -13.40 0.54 -9.89
C VAL A 440 -12.30 1.43 -9.30
N ALA A 441 -11.61 0.95 -8.26
CA ALA A 441 -10.62 1.75 -7.53
C ALA A 441 -9.49 2.35 -8.40
N ARG A 442 -9.14 3.60 -8.10
CA ARG A 442 -8.03 4.28 -8.77
C ARG A 442 -7.23 5.12 -7.78
N PHE A 443 -5.97 5.34 -8.13
CA PHE A 443 -5.06 6.18 -7.37
C PHE A 443 -4.46 7.20 -8.32
N ARG A 444 -3.76 8.20 -7.77
CA ARG A 444 -2.93 9.10 -8.59
C ARG A 444 -1.50 8.63 -8.24
N ASP A 445 -0.48 9.48 -8.36
CA ASP A 445 0.89 9.02 -8.03
C ASP A 445 0.99 8.44 -6.60
N VAL A 446 1.44 7.20 -6.48
CA VAL A 446 1.53 6.50 -5.18
C VAL A 446 2.99 6.25 -4.80
N SER A 447 3.37 6.67 -3.60
CA SER A 447 4.77 6.63 -3.14
C SER A 447 5.04 5.81 -1.87
N GLY A 448 4.07 5.75 -0.97
CA GLY A 448 4.21 5.06 0.32
C GLY A 448 3.26 3.89 0.47
N LEU A 449 3.70 2.88 1.23
CA LEU A 449 2.93 1.66 1.43
C LEU A 449 3.38 0.91 2.68
N VAL A 450 2.41 0.52 3.50
CA VAL A 450 2.67 -0.33 4.68
C VAL A 450 1.56 -1.36 4.77
N TYR A 451 1.83 -2.45 5.48
CA TYR A 451 0.83 -3.50 5.72
C TYR A 451 0.81 -3.85 7.19
N ASP A 452 -0.38 -3.81 7.79
CA ASP A 452 -0.58 -4.24 9.16
C ASP A 452 -0.89 -5.74 9.04
N ASP A 453 0.05 -6.57 9.52
CA ASP A 453 -0.06 -8.02 9.40
CA ASP A 453 -0.07 -8.03 9.39
C ASP A 453 -1.00 -8.70 10.40
N VAL A 454 -1.64 -7.91 11.27
CA VAL A 454 -2.59 -8.43 12.25
C VAL A 454 -4.00 -8.04 11.79
N LYS A 455 -4.21 -6.76 11.47
CA LYS A 455 -5.49 -6.30 10.91
C LYS A 455 -5.66 -6.68 9.43
N GLU A 456 -4.58 -7.13 8.80
CA GLU A 456 -4.57 -7.54 7.39
C GLU A 456 -5.07 -6.42 6.48
N MSE A 457 -4.40 -5.30 6.54
CA MSE A 457 -4.74 -4.14 5.71
C MSE A 457 -3.52 -3.31 5.36
O MSE A 457 -2.54 -3.25 6.11
CB MSE A 457 -5.77 -3.25 6.41
CG MSE A 457 -5.31 -2.61 7.68
SE MSE A 457 -6.83 -1.70 8.53
CE MSE A 457 -6.92 -0.20 7.33
N PHE A 458 -3.63 -2.66 4.20
CA PHE A 458 -2.60 -1.79 3.71
C PHE A 458 -3.00 -0.34 3.92
N TYR A 459 -2.01 0.51 4.18
CA TYR A 459 -2.17 1.96 4.11
C TYR A 459 -1.29 2.40 2.95
N VAL A 460 -1.81 3.30 2.12
CA VAL A 460 -1.13 3.76 0.93
C VAL A 460 -1.03 5.27 0.93
N HIS A 461 0.14 5.82 0.61
CA HIS A 461 0.28 7.26 0.48
C HIS A 461 0.11 7.65 -0.98
N ASP A 462 -1.03 8.26 -1.28
CA ASP A 462 -1.37 8.70 -2.64
C ASP A 462 -0.91 10.17 -2.69
N GLN A 463 0.34 10.32 -3.10
CA GLN A 463 1.02 11.62 -3.14
CA GLN A 463 1.05 11.60 -3.18
C GLN A 463 0.28 12.71 -3.90
N VAL A 464 -0.18 12.40 -5.12
CA VAL A 464 -0.85 13.42 -5.95
C VAL A 464 -2.36 13.54 -5.65
N GLY A 465 -2.97 12.48 -5.16
CA GLY A 465 -4.34 12.59 -4.64
C GLY A 465 -4.35 13.37 -3.32
N HIS A 466 -3.17 13.48 -2.69
CA HIS A 466 -2.98 14.15 -1.39
C HIS A 466 -3.77 13.46 -0.27
N THR A 467 -3.80 12.14 -0.34
CA THR A 467 -4.55 11.31 0.60
C THR A 467 -3.80 10.08 1.10
N ILE A 468 -4.27 9.59 2.24
CA ILE A 468 -3.87 8.29 2.74
C ILE A 468 -5.06 7.39 2.42
N ARG A 469 -4.81 6.32 1.66
CA ARG A 469 -5.81 5.36 1.25
C ARG A 469 -5.64 4.07 2.05
N THR A 470 -6.69 3.26 2.08
CA THR A 470 -6.62 1.97 2.74
C THR A 470 -7.00 0.88 1.75
N ILE A 471 -6.47 -0.32 1.97
CA ILE A 471 -6.93 -1.50 1.25
C ILE A 471 -7.24 -2.48 2.36
N SER A 472 -8.51 -2.83 2.50
CA SER A 472 -8.95 -3.68 3.61
C SER A 472 -10.27 -4.35 3.26
N MSE A 473 -10.67 -5.32 4.08
CA MSE A 473 -11.90 -6.07 3.85
CA MSE A 473 -11.90 -6.07 3.83
C MSE A 473 -13.12 -5.17 3.94
O MSE A 473 -13.27 -4.41 4.90
CB MSE A 473 -12.05 -7.21 4.87
CB MSE A 473 -11.99 -7.26 4.81
CG MSE A 473 -11.00 -8.29 4.77
CG MSE A 473 -13.02 -8.32 4.44
SE MSE A 473 -11.09 -9.18 3.05
SE MSE A 473 -12.56 -9.30 2.83
CE MSE A 473 -12.93 -9.77 3.21
CE MSE A 473 -11.00 -10.32 3.42
N GLU A 474 -14.02 -5.24 2.96
CA GLU A 474 -15.24 -4.42 3.03
C GLU A 474 -16.06 -4.81 4.28
N GLN A 475 -16.82 -3.84 4.80
CA GLN A 475 -17.62 -4.04 6.00
C GLN A 475 -19.02 -3.53 5.81
N GLU A 476 -19.98 -4.24 6.41
CA GLU A 476 -21.36 -3.80 6.40
C GLU A 476 -21.44 -2.65 7.40
N GLU A 477 -21.76 -1.45 6.92
CA GLU A 477 -21.82 -0.25 7.77
C GLU A 477 -22.93 -0.29 8.81
C1 EDO B . 18.71 11.75 -5.85
O1 EDO B . 17.67 12.17 -4.96
C2 EDO B . 20.07 12.19 -5.32
O2 EDO B . 20.50 11.35 -4.24
C1 EDO C . -16.47 -5.64 -3.09
O1 EDO C . -17.52 -4.70 -2.85
C2 EDO C . -15.69 -5.26 -4.33
O2 EDO C . -16.50 -5.46 -5.50
C1 EDO D . -20.80 -4.71 -9.22
O1 EDO D . -21.79 -4.13 -8.37
C2 EDO D . -21.36 -5.85 -10.05
O2 EDO D . -22.40 -5.39 -10.91
C1 EDO E . -36.46 -6.09 -6.55
O1 EDO E . -37.79 -6.07 -6.00
C2 EDO E . -36.26 -4.89 -7.45
O2 EDO E . -36.26 -3.67 -6.70
C1 EDO F . -2.03 -5.43 -17.76
O1 EDO F . -2.03 -6.30 -16.62
C2 EDO F . -0.60 -4.97 -18.10
O2 EDO F . 0.19 -6.08 -18.56
C1 EDO G . -5.98 -15.26 8.50
O1 EDO G . -5.39 -14.94 7.22
C2 EDO G . -7.48 -14.98 8.45
O2 EDO G . -7.82 -13.99 9.44
C1 EDO H . 2.78 -4.04 19.20
O1 EDO H . 1.87 -4.78 20.01
C2 EDO H . 2.06 -3.39 18.01
O2 EDO H . 0.99 -2.54 18.44
C1 EDO I . 18.61 -18.65 -5.15
O1 EDO I . 19.12 -18.49 -3.83
C2 EDO I . 18.18 -17.29 -5.70
O2 EDO I . 19.24 -16.34 -5.57
C1 EDO J . -12.28 11.63 5.52
O1 EDO J . -13.04 10.42 5.77
C2 EDO J . -11.58 11.54 4.17
O2 EDO J . -11.36 12.83 3.62
C1 EDO K . -3.39 -10.37 1.33
O1 EDO K . -3.42 -10.09 -0.07
C2 EDO K . -4.00 -9.18 2.07
O2 EDO K . -4.52 -9.60 3.34
C1 EDO L . 4.95 3.87 22.62
O1 EDO L . 4.64 3.68 24.01
C2 EDO L . 3.72 3.56 21.80
O2 EDO L . 2.86 4.71 21.73
C1 EDO M . 13.22 15.73 16.47
O1 EDO M . 12.30 16.66 15.87
C2 EDO M . 14.11 16.39 17.53
O2 EDO M . 14.70 17.58 16.97
C1 EDO N . 12.62 3.87 27.98
C1 EDO N . 13.70 4.51 27.75
O1 EDO N . 11.21 3.68 28.13
O1 EDO N . 12.92 4.93 28.88
C2 EDO N . 12.89 4.86 26.86
C2 EDO N . 13.35 5.37 26.54
O2 EDO N . 11.72 5.06 26.06
O2 EDO N . 14.54 5.80 25.85
C1 EDO O . -19.75 -18.35 -13.99
O1 EDO O . -19.52 -18.51 -12.59
C2 EDO O . -18.42 -18.24 -14.72
O2 EDO O . -18.70 -18.29 -16.12
C ACT P . 31.54 -17.30 5.86
O ACT P . 31.44 -18.54 5.73
OXT ACT P . 30.76 -16.66 5.12
CH3 ACT P . 32.51 -16.66 6.81
C ACT Q . 27.94 -20.28 4.38
O ACT Q . 26.71 -20.08 4.39
OXT ACT Q . 28.67 -19.28 4.14
CH3 ACT Q . 28.48 -21.64 4.65
C ACT R . 3.53 23.34 3.47
O ACT R . 4.09 22.70 2.56
OXT ACT R . 3.94 23.08 4.62
CH3 ACT R . 2.44 24.34 3.23
C ACT S . 7.96 22.79 2.55
O ACT S . 7.38 22.99 1.47
OXT ACT S . 7.30 22.16 3.41
CH3 ACT S . 9.36 23.29 2.80
C ACT T . -15.11 -19.31 -5.31
O ACT T . -16.02 -19.22 -6.16
OXT ACT T . -15.49 -19.44 -4.12
CH3 ACT T . -13.66 -19.28 -5.69
CL CL U . -46.19 -4.49 -16.80
CL CL V . 9.80 8.40 -7.62
ZN ZN W . -38.72 -9.78 -25.38
ZN ZN X . -1.66 8.08 20.05
ZN ZN Y . 5.48 21.50 3.17
ZN ZN Z . 7.30 -12.21 -22.91
ZN ZN AA . 7.76 -13.66 -22.50
ZN ZN BA . 29.48 -17.51 3.90
ZN ZN CA . 16.75 2.75 27.28
ZN ZN DA . 36.83 16.31 6.49
ZN ZN EA . 25.60 -21.53 5.26
#